data_6RY0
#
_entry.id   6RY0
#
_cell.length_a   83.319
_cell.length_b   54.989
_cell.length_c   80.416
_cell.angle_alpha   90.00
_cell.angle_beta   90.27
_cell.angle_gamma   90.00
#
_symmetry.space_group_name_H-M   'C 1 2 1'
#
loop_
_entity.id
_entity.type
_entity.pdbx_description
1 polymer 'Mannan endo-1,6-alpha-mannosidase'
2 non-polymer 'DIMETHYL SULFOXIDE'
3 non-polymer 'CALCIUM ION'
4 non-polymer 'TRIETHYLENE GLYCOL'
5 water water
#
_entity_poly.entity_id   1
_entity_poly.type   'polypeptide(L)'
_entity_poly.pdbx_seq_one_letter_code
;MGSSHHHHHHSSGLVPRGSHMASQQQYYKIDTKEEILESARTLAYDMMLFYKGNQSGEIPGILPGPPTEHKGDYYWWEGG
AMMGTYVDYWHLTGDPSYNHVIMEGMLHQVGPNADYQPPNHTASLGNDDQGFWGMSAMLAAENKFPNPPDDKPQWLALAQ
AVWTTQASPERHDGTCNGGLRWQIPPTNAGYNYKNTIANACFFDLGARLARYTKNNTYAEWAEKIFDWLYAVGYIDHETW
AVYDGGHVEHNCTDINRAQFSYNAALLLHGAAFMWNYTEDQKWKDRVDNLLTGILRDFFKDGVVFEIPCEGRQGACTADM
LTFKGYVHRWMAVVTQIAPHTKDRILPVLRTSAEAAVKQCVGPPTGRRCGFYWKSGKFVDPSVDHTSGAGEAMSVLAAVS
SLLIEYAEPPATNETGISRGDPNAGMRSRGAAQHFREINAGDR
;
_entity_poly.pdbx_strand_id   A
#
# COMPACT_ATOMS: atom_id res chain seq x y z
N GLN A 26 9.87 27.60 -3.48
CA GLN A 26 9.71 26.17 -3.72
C GLN A 26 10.85 25.68 -4.62
N TYR A 27 11.27 24.44 -4.41
CA TYR A 27 12.37 23.84 -5.16
C TYR A 27 11.85 23.10 -6.39
N TYR A 28 10.92 22.18 -6.18
CA TYR A 28 10.39 21.34 -7.24
C TYR A 28 9.36 22.06 -8.09
N LYS A 29 9.42 21.83 -9.39
CA LYS A 29 8.45 22.31 -10.34
CA LYS A 29 8.44 22.31 -10.34
C LYS A 29 7.61 21.13 -10.84
N ILE A 30 6.32 21.36 -11.01
CA ILE A 30 5.42 20.28 -11.42
C ILE A 30 4.38 20.77 -12.42
N ASP A 31 4.72 21.74 -13.29
CA ASP A 31 3.74 22.33 -14.20
C ASP A 31 3.83 21.84 -15.62
N THR A 32 4.69 20.94 -15.95
CA THR A 32 4.62 20.26 -17.22
C THR A 32 5.00 18.82 -16.97
N LYS A 33 4.77 17.98 -17.97
CA LYS A 33 5.15 16.59 -17.88
C LYS A 33 6.63 16.50 -17.61
N GLU A 34 7.43 17.25 -18.34
CA GLU A 34 8.87 17.25 -18.19
CA GLU A 34 8.86 17.13 -18.13
C GLU A 34 9.30 17.67 -16.77
N GLU A 35 8.67 18.71 -16.24
CA GLU A 35 9.01 19.18 -14.89
C GLU A 35 8.65 18.10 -13.87
N ILE A 36 7.49 17.49 -14.02
CA ILE A 36 7.08 16.41 -13.10
C ILE A 36 8.07 15.26 -13.18
N LEU A 37 8.48 14.87 -14.38
CA LEU A 37 9.46 13.79 -14.51
C LEU A 37 10.76 14.12 -13.82
N GLU A 38 11.23 15.36 -13.98
CA GLU A 38 12.46 15.74 -13.32
C GLU A 38 12.31 15.76 -11.81
N SER A 39 11.23 16.34 -11.31
CA SER A 39 11.00 16.36 -9.87
C SER A 39 10.91 14.93 -9.32
N ALA A 40 10.17 14.07 -10.01
CA ALA A 40 10.06 12.69 -9.56
C ALA A 40 11.41 11.99 -9.55
N ARG A 41 12.25 12.24 -10.55
CA ARG A 41 13.61 11.66 -10.62
CA ARG A 41 13.55 11.60 -10.56
C ARG A 41 14.41 12.05 -9.39
N THR A 42 14.34 13.33 -9.05
CA THR A 42 15.11 13.81 -7.90
C THR A 42 14.54 13.30 -6.60
N LEU A 43 13.22 13.22 -6.50
CA LEU A 43 12.59 12.65 -5.32
C LEU A 43 12.95 11.16 -5.19
N ALA A 44 13.05 10.45 -6.31
CA ALA A 44 13.43 9.05 -6.28
C ALA A 44 14.87 8.89 -5.77
N TYR A 45 15.74 9.80 -6.16
CA TYR A 45 17.11 9.83 -5.66
C TYR A 45 17.12 10.07 -4.15
N ASP A 46 16.43 11.11 -3.68
CA ASP A 46 16.45 11.43 -2.26
C ASP A 46 15.87 10.33 -1.42
N MET A 47 14.82 9.64 -1.88
CA MET A 47 14.28 8.53 -1.12
CA MET A 47 14.28 8.53 -1.10
C MET A 47 15.30 7.38 -1.07
N MET A 48 15.99 7.13 -2.18
CA MET A 48 16.92 6.01 -2.24
C MET A 48 18.11 6.24 -1.31
N LEU A 49 18.44 7.49 -0.97
CA LEU A 49 19.53 7.74 -0.03
C LEU A 49 19.26 7.09 1.34
N PHE A 50 17.98 6.90 1.72
CA PHE A 50 17.70 6.26 2.98
C PHE A 50 18.02 4.76 2.98
N TYR A 51 18.00 4.17 1.81
CA TYR A 51 18.06 2.73 1.62
C TYR A 51 19.51 2.29 1.44
N LYS A 52 19.94 1.32 2.26
CA LYS A 52 21.30 0.80 2.24
C LYS A 52 21.34 -0.65 1.80
N GLY A 53 20.21 -1.26 1.48
CA GLY A 53 20.17 -2.70 1.32
C GLY A 53 20.91 -3.29 0.18
N ASN A 54 21.24 -2.47 -0.80
CA ASN A 54 22.02 -2.92 -1.94
C ASN A 54 23.51 -2.83 -1.71
N GLN A 55 23.94 -2.31 -0.56
CA GLN A 55 25.36 -2.16 -0.28
C GLN A 55 25.91 -3.40 0.37
N SER A 56 27.21 -3.60 0.18
CA SER A 56 27.86 -4.79 0.68
C SER A 56 27.64 -4.90 2.18
N GLY A 57 27.27 -6.09 2.62
CA GLY A 57 27.06 -6.34 4.03
C GLY A 57 25.68 -5.99 4.57
N GLU A 58 24.82 -5.37 3.75
CA GLU A 58 23.50 -4.96 4.21
C GLU A 58 22.45 -5.94 3.68
N ILE A 59 21.22 -5.79 4.16
CA ILE A 59 20.13 -6.69 3.83
C ILE A 59 19.20 -6.07 2.79
N PRO A 60 19.11 -6.69 1.61
CA PRO A 60 18.19 -6.13 0.63
C PRO A 60 16.74 -6.15 1.07
N GLY A 61 16.01 -5.13 0.67
CA GLY A 61 14.57 -5.09 0.80
C GLY A 61 14.06 -4.37 2.03
N ILE A 62 14.92 -3.96 2.94
CA ILE A 62 14.49 -3.24 4.13
C ILE A 62 15.15 -1.88 4.21
N LEU A 63 14.41 -0.96 4.81
CA LEU A 63 14.95 0.30 5.26
C LEU A 63 15.66 0.07 6.60
N PRO A 64 16.44 1.05 7.07
CA PRO A 64 17.15 0.84 8.33
C PRO A 64 16.19 0.53 9.50
N GLY A 65 16.53 -0.49 10.27
CA GLY A 65 15.67 -0.92 11.34
C GLY A 65 15.86 -2.39 11.59
N PRO A 66 15.03 -2.95 12.46
CA PRO A 66 13.90 -2.31 13.14
C PRO A 66 14.33 -1.50 14.36
N PRO A 67 13.45 -0.59 14.81
CA PRO A 67 13.84 0.23 15.96
C PRO A 67 13.98 -0.56 17.26
N THR A 68 13.34 -1.72 17.32
CA THR A 68 13.48 -2.63 18.45
C THR A 68 14.90 -3.13 18.62
N GLU A 69 15.68 -3.13 17.54
CA GLU A 69 17.09 -3.53 17.58
C GLU A 69 18.02 -2.31 17.50
N HIS A 70 17.45 -1.11 17.54
CA HIS A 70 18.26 0.12 17.43
C HIS A 70 19.12 0.17 16.18
N LYS A 71 18.55 -0.37 15.10
CA LYS A 71 19.21 -0.37 13.81
C LYS A 71 18.70 0.73 12.90
N GLY A 72 17.64 1.42 13.32
CA GLY A 72 17.01 2.44 12.50
C GLY A 72 15.53 2.52 12.82
N ASP A 73 14.83 3.38 12.13
CA ASP A 73 13.49 3.81 12.51
C ASP A 73 12.37 2.93 11.99
N TYR A 74 12.65 2.02 11.06
CA TYR A 74 11.61 1.46 10.19
C TYR A 74 11.45 -0.01 10.34
N TYR A 75 10.21 -0.47 10.23
CA TYR A 75 9.89 -1.89 10.29
C TYR A 75 9.90 -2.54 8.90
N TRP A 76 10.00 -3.85 8.87
CA TRP A 76 10.09 -4.67 7.65
C TRP A 76 9.04 -4.33 6.61
N TRP A 77 7.78 -4.16 7.02
CA TRP A 77 6.75 -3.93 6.02
C TRP A 77 6.99 -2.66 5.24
N GLU A 78 7.66 -1.66 5.85
CA GLU A 78 7.88 -0.40 5.16
C GLU A 78 8.90 -0.56 4.02
N GLY A 79 9.77 -1.56 4.15
CA GLY A 79 10.60 -1.92 3.02
C GLY A 79 9.75 -2.41 1.86
N GLY A 80 8.76 -3.23 2.15
CA GLY A 80 7.84 -3.69 1.12
C GLY A 80 7.07 -2.55 0.48
N ALA A 81 6.64 -1.60 1.29
CA ALA A 81 5.98 -0.40 0.77
C ALA A 81 6.92 0.38 -0.13
N MET A 82 8.17 0.52 0.27
CA MET A 82 9.15 1.20 -0.59
C MET A 82 9.30 0.47 -1.93
N MET A 83 9.42 -0.85 -1.90
CA MET A 83 9.58 -1.59 -3.15
C MET A 83 8.43 -1.27 -4.09
N GLY A 84 7.21 -1.35 -3.57
CA GLY A 84 6.06 -1.07 -4.42
C GLY A 84 6.04 0.36 -4.94
N THR A 85 6.46 1.31 -4.12
CA THR A 85 6.55 2.70 -4.56
C THR A 85 7.45 2.83 -5.79
N TYR A 86 8.56 2.09 -5.82
CA TYR A 86 9.47 2.13 -6.93
C TYR A 86 9.01 1.34 -8.15
N VAL A 87 8.25 0.27 -7.94
CA VAL A 87 7.59 -0.40 -9.07
C VAL A 87 6.64 0.58 -9.75
N ASP A 88 5.88 1.33 -8.95
CA ASP A 88 5.01 2.37 -9.50
CA ASP A 88 5.01 2.35 -9.52
C ASP A 88 5.82 3.50 -10.16
N TYR A 89 6.90 3.93 -9.52
CA TYR A 89 7.74 4.98 -10.07
C TYR A 89 8.17 4.66 -11.49
N TRP A 90 8.69 3.46 -11.72
CA TRP A 90 9.11 3.07 -13.05
C TRP A 90 7.92 3.04 -14.01
N HIS A 91 6.81 2.48 -13.56
CA HIS A 91 5.60 2.40 -14.39
C HIS A 91 5.13 3.78 -14.84
N LEU A 92 5.21 4.76 -13.94
CA LEU A 92 4.68 6.10 -14.16
C LEU A 92 5.63 6.98 -14.96
N THR A 93 6.94 6.78 -14.79
CA THR A 93 7.94 7.66 -15.38
C THR A 93 8.73 7.07 -16.53
N GLY A 94 8.79 5.75 -16.62
CA GLY A 94 9.65 5.09 -17.56
C GLY A 94 11.11 5.00 -17.17
N ASP A 95 11.46 5.49 -16.00
CA ASP A 95 12.85 5.48 -15.54
C ASP A 95 13.14 4.14 -14.87
N PRO A 96 14.02 3.30 -15.48
CA PRO A 96 14.29 1.97 -14.92
C PRO A 96 15.51 1.95 -14.01
N SER A 97 16.06 3.12 -13.67
CA SER A 97 17.33 3.19 -12.93
C SER A 97 17.42 2.31 -11.70
N TYR A 98 16.33 2.23 -10.93
CA TYR A 98 16.32 1.49 -9.68
C TYR A 98 15.77 0.09 -9.80
N ASN A 99 15.38 -0.35 -10.99
CA ASN A 99 14.70 -1.63 -11.13
C ASN A 99 15.51 -2.81 -10.59
N HIS A 100 16.82 -2.83 -10.81
CA HIS A 100 17.63 -3.95 -10.33
C HIS A 100 17.65 -4.01 -8.80
N VAL A 101 17.79 -2.84 -8.18
CA VAL A 101 17.81 -2.76 -6.74
C VAL A 101 16.49 -3.24 -6.14
N ILE A 102 15.39 -2.86 -6.77
CA ILE A 102 14.07 -3.21 -6.31
C ILE A 102 13.79 -4.70 -6.51
N MET A 103 14.18 -5.24 -7.65
CA MET A 103 14.01 -6.67 -7.84
CA MET A 103 14.11 -6.68 -7.92
C MET A 103 14.77 -7.42 -6.77
N GLU A 104 16.01 -7.03 -6.50
CA GLU A 104 16.82 -7.70 -5.48
C GLU A 104 16.15 -7.65 -4.11
N GLY A 105 15.64 -6.48 -3.74
CA GLY A 105 14.99 -6.31 -2.46
C GLY A 105 13.72 -7.15 -2.34
N MET A 106 12.89 -7.12 -3.37
CA MET A 106 11.66 -7.93 -3.40
CA MET A 106 11.66 -7.93 -3.35
C MET A 106 11.98 -9.41 -3.25
N LEU A 107 12.98 -9.89 -3.99
CA LEU A 107 13.27 -11.31 -3.97
C LEU A 107 13.91 -11.75 -2.67
N HIS A 108 14.65 -10.87 -2.01
CA HIS A 108 15.37 -11.28 -0.81
C HIS A 108 14.44 -11.61 0.33
N GLN A 109 13.24 -11.02 0.34
CA GLN A 109 12.34 -11.06 1.49
C GLN A 109 11.23 -12.12 1.36
N VAL A 110 11.29 -12.98 0.34
CA VAL A 110 10.16 -13.87 0.06
C VAL A 110 10.01 -15.03 1.04
N GLY A 111 11.06 -15.37 1.78
CA GLY A 111 11.02 -16.50 2.69
C GLY A 111 11.26 -17.81 1.97
N PRO A 112 11.53 -18.87 2.74
CA PRO A 112 11.84 -20.18 2.15
C PRO A 112 10.67 -20.74 1.35
N ASN A 113 9.45 -20.35 1.69
CA ASN A 113 8.27 -20.88 1.03
C ASN A 113 7.67 -19.91 0.04
N ALA A 114 8.40 -18.86 -0.32
CA ALA A 114 7.97 -17.94 -1.39
C ALA A 114 6.58 -17.38 -1.12
N ASP A 115 6.39 -16.91 0.10
CA ASP A 115 5.10 -16.50 0.60
C ASP A 115 5.18 -15.23 1.45
N TYR A 116 6.34 -14.55 1.44
CA TYR A 116 6.55 -13.38 2.29
C TYR A 116 6.30 -13.67 3.76
N GLN A 117 6.72 -14.86 4.21
CA GLN A 117 6.75 -15.20 5.62
C GLN A 117 8.13 -15.65 6.06
N PRO A 118 9.15 -14.83 5.83
CA PRO A 118 10.47 -15.21 6.29
C PRO A 118 10.45 -15.29 7.87
N PRO A 119 10.84 -16.44 8.45
CA PRO A 119 10.58 -16.62 9.88
C PRO A 119 11.49 -15.78 10.77
N ASN A 120 12.63 -15.35 10.23
CA ASN A 120 13.42 -14.42 11.02
C ASN A 120 12.63 -13.21 11.39
N HIS A 121 11.60 -12.92 10.61
CA HIS A 121 10.71 -11.77 10.86
C HIS A 121 9.39 -12.07 11.53
N THR A 122 9.31 -13.17 12.24
CA THR A 122 8.06 -13.58 12.89
C THR A 122 7.38 -12.46 13.70
N ALA A 123 8.15 -11.66 14.44
CA ALA A 123 7.58 -10.59 15.26
C ALA A 123 6.88 -9.52 14.45
N SER A 124 7.22 -9.44 13.15
CA SER A 124 6.63 -8.49 12.18
C SER A 124 5.59 -9.15 11.26
N LEU A 125 5.20 -10.38 11.55
CA LEU A 125 4.30 -11.08 10.69
C LEU A 125 2.85 -10.85 11.17
N GLY A 126 2.42 -9.63 10.90
CA GLY A 126 1.02 -9.39 10.77
C GLY A 126 0.53 -9.76 9.37
N ASN A 127 -0.79 -9.95 9.28
CA ASN A 127 -1.39 -10.12 7.98
C ASN A 127 -1.24 -8.87 7.12
N ASP A 128 -1.25 -7.69 7.75
CA ASP A 128 -0.98 -6.46 7.01
C ASP A 128 0.47 -6.38 6.52
N ASP A 129 1.43 -6.76 7.36
CA ASP A 129 2.81 -6.70 6.96
C ASP A 129 3.05 -7.60 5.74
N GLN A 130 2.61 -8.83 5.85
CA GLN A 130 2.70 -9.79 4.75
C GLN A 130 1.92 -9.28 3.54
N GLY A 131 0.74 -8.74 3.80
CA GLY A 131 -0.10 -8.22 2.75
C GLY A 131 0.55 -7.13 1.95
N PHE A 132 1.25 -6.21 2.59
CA PHE A 132 1.89 -5.13 1.83
C PHE A 132 2.94 -5.67 0.86
N TRP A 133 3.72 -6.68 1.29
CA TRP A 133 4.66 -7.33 0.35
C TRP A 133 3.92 -8.00 -0.77
N GLY A 134 2.83 -8.73 -0.47
CA GLY A 134 2.03 -9.33 -1.51
C GLY A 134 1.47 -8.33 -2.49
N MET A 135 1.04 -7.17 -1.99
CA MET A 135 0.53 -6.11 -2.84
CA MET A 135 0.53 -6.10 -2.83
C MET A 135 1.61 -5.53 -3.75
N SER A 136 2.84 -5.42 -3.25
CA SER A 136 3.93 -4.97 -4.12
C SER A 136 4.22 -6.00 -5.23
N ALA A 137 4.13 -7.29 -4.93
CA ALA A 137 4.29 -8.30 -5.95
C ALA A 137 3.14 -8.24 -6.98
N MET A 138 1.91 -8.06 -6.48
CA MET A 138 0.75 -7.91 -7.36
C MET A 138 0.95 -6.73 -8.30
N LEU A 139 1.44 -5.61 -7.75
CA LEU A 139 1.70 -4.39 -8.52
C LEU A 139 2.77 -4.65 -9.58
N ALA A 140 3.81 -5.41 -9.23
CA ALA A 140 4.82 -5.76 -10.22
C ALA A 140 4.22 -6.54 -11.38
N ALA A 141 3.31 -7.47 -11.10
CA ALA A 141 2.63 -8.19 -12.19
C ALA A 141 1.76 -7.24 -13.03
N GLU A 142 0.98 -6.40 -12.35
CA GLU A 142 0.11 -5.43 -13.04
C GLU A 142 0.86 -4.45 -13.90
N ASN A 143 2.04 -4.08 -13.45
CA ASN A 143 2.83 -3.05 -14.13
C ASN A 143 3.83 -3.64 -15.13
N LYS A 144 3.83 -4.96 -15.29
CA LYS A 144 4.77 -5.65 -16.18
C LYS A 144 6.21 -5.34 -15.77
N PHE A 145 6.43 -5.22 -14.46
CA PHE A 145 7.80 -5.06 -13.95
C PHE A 145 8.62 -6.27 -14.40
N PRO A 146 9.88 -6.07 -14.79
CA PRO A 146 10.64 -7.22 -15.31
C PRO A 146 10.60 -8.42 -14.39
N ASN A 147 10.50 -9.59 -15.00
CA ASN A 147 10.39 -10.82 -14.24
C ASN A 147 11.69 -11.19 -13.59
N PRO A 148 11.62 -11.80 -12.40
CA PRO A 148 12.80 -12.45 -11.80
C PRO A 148 13.31 -13.56 -12.67
N PRO A 149 14.55 -14.00 -12.43
CA PRO A 149 15.09 -15.14 -13.17
C PRO A 149 14.18 -16.36 -13.09
N ASP A 150 14.41 -17.26 -14.04
CA ASP A 150 13.49 -18.36 -14.21
C ASP A 150 13.41 -19.30 -12.99
N ASP A 151 14.47 -19.38 -12.22
CA ASP A 151 14.47 -20.26 -11.06
C ASP A 151 13.94 -19.59 -9.81
N LYS A 152 13.56 -18.31 -9.90
CA LYS A 152 13.15 -17.54 -8.74
C LYS A 152 11.64 -17.37 -8.75
N PRO A 153 11.05 -17.05 -7.60
CA PRO A 153 9.61 -16.84 -7.54
C PRO A 153 9.21 -15.67 -8.43
N GLN A 154 8.09 -15.84 -9.10
CA GLN A 154 7.56 -14.86 -10.02
C GLN A 154 6.53 -13.96 -9.33
N TRP A 155 6.32 -12.75 -9.86
CA TRP A 155 5.51 -11.78 -9.16
C TRP A 155 4.08 -12.26 -8.89
N LEU A 156 3.39 -12.74 -9.92
CA LEU A 156 2.04 -13.21 -9.73
C LEU A 156 2.00 -14.35 -8.70
N ALA A 157 2.94 -15.29 -8.83
CA ALA A 157 3.02 -16.42 -7.90
C ALA A 157 3.21 -15.96 -6.45
N LEU A 158 4.00 -14.91 -6.25
CA LEU A 158 4.19 -14.39 -4.89
C LEU A 158 2.91 -13.79 -4.34
N ALA A 159 2.20 -13.01 -5.17
CA ALA A 159 0.91 -12.48 -4.74
C ALA A 159 -0.08 -13.59 -4.42
N GLN A 160 -0.12 -14.61 -5.28
CA GLN A 160 -0.97 -15.76 -5.03
C GLN A 160 -0.62 -16.49 -3.75
N ALA A 161 0.67 -16.58 -3.41
CA ALA A 161 1.07 -17.26 -2.20
C ALA A 161 0.62 -16.50 -0.97
N VAL A 162 0.81 -15.19 -0.97
CA VAL A 162 0.31 -14.37 0.13
C VAL A 162 -1.18 -14.56 0.30
N TRP A 163 -1.93 -14.39 -0.78
CA TRP A 163 -3.37 -14.50 -0.71
C TRP A 163 -3.79 -15.88 -0.20
N THR A 164 -3.16 -16.94 -0.72
CA THR A 164 -3.52 -18.30 -0.34
C THR A 164 -3.28 -18.52 1.15
N THR A 165 -2.14 -18.09 1.67
CA THR A 165 -1.89 -18.23 3.09
C THR A 165 -2.89 -17.44 3.91
N GLN A 166 -3.34 -16.31 3.41
CA GLN A 166 -4.34 -15.48 4.10
C GLN A 166 -5.73 -16.08 4.05
N ALA A 167 -5.99 -16.90 3.04
CA ALA A 167 -7.26 -17.63 2.89
C ALA A 167 -7.29 -18.94 3.68
N SER A 168 -6.17 -19.34 4.28
CA SER A 168 -6.07 -20.64 4.91
C SER A 168 -7.05 -20.72 6.07
N PRO A 169 -7.64 -21.90 6.30
CA PRO A 169 -8.75 -21.95 7.26
C PRO A 169 -8.42 -21.53 8.69
N GLU A 170 -7.19 -21.73 9.16
CA GLU A 170 -6.88 -21.35 10.56
C GLU A 170 -6.86 -19.83 10.76
N ARG A 171 -6.83 -19.09 9.66
CA ARG A 171 -6.87 -17.65 9.78
C ARG A 171 -8.30 -17.09 9.78
N HIS A 172 -9.31 -17.97 9.66
CA HIS A 172 -10.71 -17.56 9.61
C HIS A 172 -11.50 -18.38 10.59
N ASP A 173 -11.56 -17.91 11.82
CA ASP A 173 -12.30 -18.59 12.87
C ASP A 173 -13.66 -17.92 13.10
N GLY A 174 -14.42 -18.41 14.07
CA GLY A 174 -15.77 -17.95 14.27
C GLY A 174 -15.89 -16.71 15.11
N THR A 175 -14.81 -16.24 15.71
CA THR A 175 -14.92 -15.04 16.51
C THR A 175 -15.32 -13.87 15.62
N CYS A 176 -16.22 -13.01 16.09
CA CYS A 176 -16.73 -11.93 15.30
C CYS A 176 -17.35 -12.38 13.98
N ASN A 177 -17.75 -13.65 13.93
CA ASN A 177 -18.33 -14.27 12.72
C ASN A 177 -17.36 -14.24 11.53
N GLY A 178 -16.06 -14.15 11.80
CA GLY A 178 -15.07 -14.18 10.76
C GLY A 178 -14.13 -13.02 10.81
N GLY A 179 -13.44 -12.76 9.71
CA GLY A 179 -12.41 -11.74 9.61
C GLY A 179 -11.04 -12.24 10.01
N LEU A 180 -10.03 -11.67 9.40
CA LEU A 180 -8.66 -11.90 9.82
C LEU A 180 -8.34 -11.14 11.10
N ARG A 181 -7.53 -11.79 11.93
CA ARG A 181 -6.81 -11.16 13.00
C ARG A 181 -5.65 -10.35 12.46
N TRP A 182 -5.22 -9.36 13.22
CA TRP A 182 -4.09 -8.55 12.84
C TRP A 182 -2.84 -9.39 12.65
N GLN A 183 -2.53 -10.21 13.65
CA GLN A 183 -1.32 -11.02 13.68
C GLN A 183 -1.50 -12.42 13.17
N ILE A 184 -0.42 -12.97 12.62
CA ILE A 184 -0.39 -14.34 12.16
C ILE A 184 -0.09 -15.32 13.29
N PRO A 185 0.99 -15.08 14.05
CA PRO A 185 1.28 -16.01 15.16
C PRO A 185 0.32 -15.81 16.35
N PRO A 186 -0.32 -16.90 16.85
CA PRO A 186 -1.26 -16.71 17.96
C PRO A 186 -0.65 -16.12 19.21
N THR A 187 0.66 -16.25 19.37
CA THR A 187 1.35 -15.67 20.51
C THR A 187 1.86 -14.23 20.30
N ASN A 188 1.66 -13.64 19.12
CA ASN A 188 2.07 -12.25 18.91
C ASN A 188 1.07 -11.31 19.57
N ALA A 189 1.56 -10.25 20.23
CA ALA A 189 0.66 -9.24 20.76
C ALA A 189 -0.17 -8.68 19.62
N GLY A 190 -1.47 -8.59 19.85
CA GLY A 190 -2.37 -8.09 18.83
C GLY A 190 -3.13 -9.17 18.09
N TYR A 191 -2.89 -10.44 18.43
CA TYR A 191 -3.64 -11.52 17.80
C TYR A 191 -5.14 -11.43 18.11
N ASN A 192 -5.49 -10.79 19.22
CA ASN A 192 -6.88 -10.59 19.60
C ASN A 192 -7.56 -9.39 18.93
N TYR A 193 -6.84 -8.66 18.08
CA TYR A 193 -7.38 -7.48 17.42
C TYR A 193 -7.69 -7.85 15.96
N LYS A 194 -8.96 -7.80 15.59
CA LYS A 194 -9.35 -7.99 14.19
C LYS A 194 -9.50 -6.61 13.60
N ASN A 195 -8.54 -6.23 12.76
CA ASN A 195 -8.48 -4.86 12.32
C ASN A 195 -8.76 -4.71 10.84
N THR A 196 -9.11 -3.49 10.48
CA THR A 196 -9.42 -3.20 9.10
C THR A 196 -8.26 -3.49 8.18
N ILE A 197 -7.06 -3.05 8.52
CA ILE A 197 -5.99 -3.09 7.53
C ILE A 197 -5.66 -4.54 7.11
N ALA A 198 -5.63 -5.49 8.05
CA ALA A 198 -5.35 -6.87 7.66
C ALA A 198 -6.38 -7.36 6.64
N ASN A 199 -7.63 -7.07 6.94
CA ASN A 199 -8.73 -7.50 6.09
C ASN A 199 -8.74 -6.74 4.76
N ALA A 200 -8.41 -5.45 4.79
CA ALA A 200 -8.34 -4.64 3.58
C ALA A 200 -7.24 -5.15 2.65
N CYS A 201 -6.09 -5.53 3.19
CA CYS A 201 -5.02 -6.08 2.35
C CYS A 201 -5.50 -7.36 1.67
N PHE A 202 -6.12 -8.25 2.43
CA PHE A 202 -6.60 -9.51 1.86
C PHE A 202 -7.68 -9.28 0.81
N PHE A 203 -8.60 -8.34 1.09
CA PHE A 203 -9.62 -7.93 0.17
C PHE A 203 -9.01 -7.40 -1.12
N ASP A 204 -8.09 -6.44 -0.98
CA ASP A 204 -7.49 -5.81 -2.16
C ASP A 204 -6.75 -6.84 -3.01
N LEU A 205 -5.98 -7.73 -2.37
CA LEU A 205 -5.29 -8.79 -3.11
CA LEU A 205 -5.27 -8.72 -3.12
C LEU A 205 -6.25 -9.68 -3.83
N GLY A 206 -7.34 -10.07 -3.17
CA GLY A 206 -8.32 -10.91 -3.84
C GLY A 206 -8.94 -10.25 -5.05
N ALA A 207 -9.31 -8.98 -4.91
CA ALA A 207 -9.94 -8.25 -6.00
C ALA A 207 -8.97 -8.14 -7.19
N ARG A 208 -7.72 -7.85 -6.89
CA ARG A 208 -6.69 -7.68 -7.92
C ARG A 208 -6.32 -8.99 -8.57
N LEU A 209 -6.25 -10.06 -7.78
CA LEU A 209 -5.99 -11.38 -8.37
C LEU A 209 -7.13 -11.81 -9.25
N ALA A 210 -8.36 -11.52 -8.84
CA ALA A 210 -9.51 -11.81 -9.71
C ALA A 210 -9.38 -11.11 -11.05
N ARG A 211 -9.10 -9.81 -11.02
CA ARG A 211 -9.02 -9.09 -12.28
C ARG A 211 -7.88 -9.63 -13.16
N TYR A 212 -6.74 -9.89 -12.55
CA TYR A 212 -5.59 -10.29 -13.35
C TYR A 212 -5.80 -11.68 -13.97
N THR A 213 -6.21 -12.62 -13.13
CA THR A 213 -6.29 -14.03 -13.52
C THR A 213 -7.60 -14.44 -14.14
N LYS A 214 -8.66 -13.65 -13.91
CA LYS A 214 -10.02 -13.95 -14.31
C LYS A 214 -10.55 -15.19 -13.56
N ASN A 215 -10.01 -15.47 -12.39
CA ASN A 215 -10.49 -16.57 -11.58
C ASN A 215 -11.46 -16.05 -10.52
N ASN A 216 -12.68 -16.56 -10.54
CA ASN A 216 -13.73 -16.02 -9.69
CA ASN A 216 -13.72 -16.02 -9.71
C ASN A 216 -13.61 -16.38 -8.22
N THR A 217 -12.82 -17.40 -7.86
CA THR A 217 -12.69 -17.73 -6.46
C THR A 217 -12.02 -16.60 -5.69
N TYR A 218 -11.07 -15.92 -6.32
CA TYR A 218 -10.49 -14.74 -5.69
C TYR A 218 -11.58 -13.71 -5.38
N ALA A 219 -12.44 -13.46 -6.35
CA ALA A 219 -13.51 -12.45 -6.21
C ALA A 219 -14.51 -12.84 -5.16
N GLU A 220 -14.86 -14.12 -5.08
CA GLU A 220 -15.83 -14.54 -4.07
C GLU A 220 -15.29 -14.31 -2.66
N TRP A 221 -14.01 -14.60 -2.45
CA TRP A 221 -13.37 -14.27 -1.18
C TRP A 221 -13.36 -12.78 -0.91
N ALA A 222 -13.02 -12.00 -1.93
CA ALA A 222 -12.99 -10.54 -1.73
C ALA A 222 -14.35 -10.02 -1.32
N GLU A 223 -15.41 -10.51 -1.98
CA GLU A 223 -16.80 -10.15 -1.65
CA GLU A 223 -16.71 -10.07 -1.60
C GLU A 223 -17.07 -10.49 -0.18
N LYS A 224 -16.69 -11.71 0.22
CA LYS A 224 -16.96 -12.18 1.57
C LYS A 224 -16.29 -11.28 2.59
N ILE A 225 -15.03 -10.93 2.36
CA ILE A 225 -14.31 -10.13 3.36
C ILE A 225 -14.84 -8.70 3.40
N PHE A 226 -15.16 -8.12 2.25
CA PHE A 226 -15.76 -6.79 2.26
C PHE A 226 -17.08 -6.80 3.01
N ASP A 227 -17.90 -7.82 2.77
CA ASP A 227 -19.18 -7.89 3.42
C ASP A 227 -19.03 -8.06 4.92
N TRP A 228 -17.97 -8.74 5.35
CA TRP A 228 -17.66 -8.86 6.76
C TRP A 228 -17.27 -7.50 7.37
N LEU A 229 -16.39 -6.77 6.69
CA LEU A 229 -15.99 -5.45 7.13
C LEU A 229 -17.20 -4.51 7.29
N TYR A 230 -18.13 -4.64 6.36
CA TYR A 230 -19.36 -3.84 6.43
C TYR A 230 -20.20 -4.33 7.61
N ALA A 231 -20.45 -5.63 7.71
CA ALA A 231 -21.31 -6.15 8.77
C ALA A 231 -20.78 -5.81 10.17
N VAL A 232 -19.49 -5.99 10.41
CA VAL A 232 -18.93 -5.75 11.73
C VAL A 232 -18.93 -4.25 12.05
N GLY A 233 -19.15 -3.39 11.05
CA GLY A 233 -19.29 -1.98 11.29
C GLY A 233 -17.98 -1.22 11.28
N TYR A 234 -16.91 -1.82 10.77
CA TYR A 234 -15.68 -1.10 10.55
C TYR A 234 -15.87 -0.10 9.41
N ILE A 235 -16.77 -0.39 8.47
CA ILE A 235 -17.27 0.60 7.53
C ILE A 235 -18.56 1.11 8.13
N ASP A 236 -18.62 2.44 8.33
CA ASP A 236 -19.82 3.05 8.92
C ASP A 236 -20.96 2.97 7.93
N HIS A 237 -22.09 2.39 8.34
CA HIS A 237 -23.20 2.20 7.42
C HIS A 237 -23.87 3.49 6.99
N GLU A 238 -23.69 4.55 7.77
CA GLU A 238 -24.27 5.85 7.46
C GLU A 238 -23.30 6.72 6.67
N THR A 239 -22.07 6.83 7.15
CA THR A 239 -21.13 7.82 6.61
C THR A 239 -20.05 7.23 5.71
N TRP A 240 -19.86 5.92 5.76
CA TRP A 240 -18.80 5.26 5.01
C TRP A 240 -17.40 5.69 5.45
N ALA A 241 -17.28 6.29 6.63
CA ALA A 241 -16.02 6.30 7.33
C ALA A 241 -15.52 4.87 7.53
N VAL A 242 -14.21 4.73 7.64
CA VAL A 242 -13.59 3.41 7.81
C VAL A 242 -12.72 3.43 9.05
N TYR A 243 -13.18 2.73 10.07
CA TYR A 243 -12.57 2.70 11.38
C TYR A 243 -11.44 1.66 11.43
N ASP A 244 -10.79 1.58 12.57
CA ASP A 244 -9.53 0.85 12.66
C ASP A 244 -9.67 -0.63 13.01
N GLY A 245 -10.58 -1.00 13.87
CA GLY A 245 -10.69 -2.41 14.27
C GLY A 245 -11.44 -2.58 15.58
N GLY A 246 -11.44 -3.81 16.08
CA GLY A 246 -12.09 -4.15 17.32
C GLY A 246 -11.49 -5.46 17.82
N HIS A 247 -11.76 -5.83 19.07
CA HIS A 247 -11.14 -6.99 19.69
C HIS A 247 -12.10 -8.16 19.83
N VAL A 248 -11.56 -9.37 19.69
CA VAL A 248 -12.39 -10.56 19.76
C VAL A 248 -13.07 -10.75 21.10
N GLU A 249 -12.43 -10.36 22.21
CA GLU A 249 -13.04 -10.52 23.52
C GLU A 249 -14.34 -9.73 23.66
N HIS A 250 -14.53 -8.71 22.82
CA HIS A 250 -15.76 -7.92 22.82
C HIS A 250 -16.60 -8.19 21.59
N ASN A 251 -16.36 -9.31 20.92
CA ASN A 251 -17.09 -9.60 19.69
C ASN A 251 -16.91 -8.50 18.66
N CYS A 252 -15.75 -7.84 18.74
CA CYS A 252 -15.36 -6.78 17.80
C CYS A 252 -16.21 -5.52 17.92
N THR A 253 -16.99 -5.40 19.01
CA THR A 253 -17.87 -4.26 19.20
C THR A 253 -17.20 -3.02 19.77
N ASP A 254 -16.00 -3.16 20.31
CA ASP A 254 -15.26 -2.05 20.90
C ASP A 254 -14.51 -1.34 19.79
N ILE A 255 -15.23 -0.78 18.84
CA ILE A 255 -14.59 -0.27 17.63
C ILE A 255 -13.68 0.90 17.99
N ASN A 256 -12.44 0.80 17.54
CA ASN A 256 -11.50 1.91 17.56
C ASN A 256 -11.83 2.76 16.35
N ARG A 257 -12.40 3.94 16.60
CA ARG A 257 -12.93 4.77 15.53
CA ARG A 257 -12.91 4.78 15.54
C ARG A 257 -11.87 5.71 14.92
N ALA A 258 -10.60 5.50 15.24
CA ALA A 258 -9.56 6.23 14.51
C ALA A 258 -9.69 5.92 13.03
N GLN A 259 -9.60 6.97 12.24
CA GLN A 259 -9.74 6.93 10.77
C GLN A 259 -8.39 7.21 10.11
N PHE A 260 -7.67 6.15 9.77
CA PHE A 260 -6.41 6.29 9.08
C PHE A 260 -6.66 6.27 7.57
N SER A 261 -5.98 7.16 6.86
CA SER A 261 -6.29 7.38 5.45
C SER A 261 -6.15 6.10 4.63
N TYR A 262 -5.14 5.31 4.93
CA TYR A 262 -4.85 4.14 4.09
C TYR A 262 -5.92 3.07 4.20
N ASN A 263 -6.68 3.02 5.29
CA ASN A 263 -7.74 2.04 5.41
C ASN A 263 -8.86 2.31 4.44
N ALA A 264 -9.40 3.51 4.46
CA ALA A 264 -10.45 3.85 3.49
C ALA A 264 -9.92 3.77 2.08
N ALA A 265 -8.71 4.27 1.83
CA ALA A 265 -8.20 4.28 0.47
C ALA A 265 -7.96 2.86 -0.05
N LEU A 266 -7.51 1.93 0.79
CA LEU A 266 -7.29 0.57 0.32
C LEU A 266 -8.62 -0.08 -0.02
N LEU A 267 -9.66 0.14 0.79
CA LEU A 267 -10.96 -0.39 0.46
C LEU A 267 -11.49 0.22 -0.83
N LEU A 268 -11.29 1.51 -1.05
CA LEU A 268 -11.67 2.13 -2.33
C LEU A 268 -10.96 1.43 -3.49
N HIS A 269 -9.66 1.23 -3.35
CA HIS A 269 -8.85 0.58 -4.39
C HIS A 269 -9.42 -0.80 -4.69
N GLY A 270 -9.61 -1.64 -3.69
CA GLY A 270 -10.13 -2.96 -3.97
C GLY A 270 -11.51 -2.93 -4.54
N ALA A 271 -12.37 -2.02 -4.05
CA ALA A 271 -13.73 -1.92 -4.58
C ALA A 271 -13.70 -1.52 -6.06
N ALA A 272 -12.75 -0.67 -6.46
CA ALA A 272 -12.63 -0.29 -7.84
C ALA A 272 -12.24 -1.50 -8.71
N PHE A 273 -11.32 -2.35 -8.24
CA PHE A 273 -11.02 -3.56 -8.95
C PHE A 273 -12.24 -4.46 -9.04
N MET A 274 -13.02 -4.57 -7.98
CA MET A 274 -14.23 -5.39 -8.02
C MET A 274 -15.26 -4.81 -8.99
N TRP A 275 -15.43 -3.51 -9.03
CA TRP A 275 -16.32 -2.87 -9.99
C TRP A 275 -15.87 -3.17 -11.41
N ASN A 276 -14.58 -3.03 -11.68
CA ASN A 276 -14.06 -3.25 -13.02
C ASN A 276 -14.27 -4.71 -13.42
N TYR A 277 -14.01 -5.63 -12.50
CA TYR A 277 -14.10 -7.06 -12.79
C TYR A 277 -15.55 -7.52 -12.96
N THR A 278 -16.42 -7.14 -12.02
CA THR A 278 -17.78 -7.65 -11.98
C THR A 278 -18.79 -6.86 -12.78
N GLU A 279 -18.55 -5.56 -12.94
CA GLU A 279 -19.55 -4.63 -13.51
C GLU A 279 -20.87 -4.68 -12.74
N ASP A 280 -20.81 -5.06 -11.48
CA ASP A 280 -22.00 -5.11 -10.63
C ASP A 280 -22.19 -3.71 -10.04
N GLN A 281 -23.36 -3.13 -10.24
CA GLN A 281 -23.68 -1.82 -9.70
C GLN A 281 -23.40 -1.69 -8.21
N LYS A 282 -23.53 -2.77 -7.45
CA LYS A 282 -23.26 -2.66 -6.03
C LYS A 282 -21.82 -2.22 -5.77
N TRP A 283 -20.89 -2.66 -6.59
CA TRP A 283 -19.51 -2.25 -6.45
C TRP A 283 -19.29 -0.81 -6.89
N LYS A 284 -19.99 -0.35 -7.91
CA LYS A 284 -19.93 1.07 -8.25
CA LYS A 284 -19.93 1.07 -8.26
C LYS A 284 -20.40 1.91 -7.09
N ASP A 285 -21.50 1.49 -6.46
CA ASP A 285 -22.04 2.23 -5.32
C ASP A 285 -21.04 2.28 -4.19
N ARG A 286 -20.36 1.17 -3.95
CA ARG A 286 -19.37 1.09 -2.87
C ARG A 286 -18.16 1.99 -3.18
N VAL A 287 -17.69 1.98 -4.45
CA VAL A 287 -16.66 2.92 -4.86
C VAL A 287 -17.09 4.34 -4.57
N ASP A 288 -18.30 4.68 -5.01
CA ASP A 288 -18.74 6.06 -4.89
C ASP A 288 -18.89 6.49 -3.43
N ASN A 289 -19.43 5.60 -2.60
CA ASN A 289 -19.59 5.90 -1.17
C ASN A 289 -18.26 6.01 -0.45
N LEU A 290 -17.35 5.08 -0.71
CA LEU A 290 -16.04 5.17 -0.10
C LEU A 290 -15.33 6.45 -0.53
N LEU A 291 -15.42 6.78 -1.81
CA LEU A 291 -14.77 7.99 -2.33
C LEU A 291 -15.35 9.25 -1.71
N THR A 292 -16.68 9.32 -1.60
CA THR A 292 -17.30 10.46 -0.95
C THR A 292 -16.74 10.63 0.45
N GLY A 293 -16.66 9.54 1.20
CA GLY A 293 -16.14 9.59 2.54
C GLY A 293 -14.69 10.08 2.59
N ILE A 294 -13.86 9.57 1.70
CA ILE A 294 -12.45 9.96 1.69
C ILE A 294 -12.27 11.44 1.41
N LEU A 295 -12.99 11.93 0.41
CA LEU A 295 -12.88 13.33 0.06
C LEU A 295 -13.36 14.22 1.20
N ARG A 296 -14.40 13.79 1.90
CA ARG A 296 -14.92 14.52 3.04
C ARG A 296 -13.96 14.52 4.22
N ASP A 297 -13.38 13.37 4.49
CA ASP A 297 -12.64 13.18 5.73
C ASP A 297 -11.16 13.49 5.65
N PHE A 298 -10.52 13.15 4.55
CA PHE A 298 -9.05 13.21 4.50
C PHE A 298 -8.50 14.35 3.68
N PHE A 299 -9.31 15.03 2.88
CA PHE A 299 -8.81 16.13 2.08
C PHE A 299 -9.31 17.42 2.68
N LYS A 300 -8.37 18.28 3.05
CA LYS A 300 -8.64 19.54 3.72
C LYS A 300 -8.14 20.64 2.81
N ASP A 301 -9.06 21.45 2.29
CA ASP A 301 -8.71 22.42 1.28
C ASP A 301 -7.85 21.80 0.19
N GLY A 302 -8.20 20.59 -0.24
CA GLY A 302 -7.53 19.99 -1.35
C GLY A 302 -6.24 19.24 -1.01
N VAL A 303 -5.93 19.02 0.26
CA VAL A 303 -4.68 18.40 0.64
C VAL A 303 -4.93 17.22 1.56
N VAL A 304 -4.31 16.09 1.28
CA VAL A 304 -4.48 14.93 2.14
C VAL A 304 -3.93 15.21 3.55
N PHE A 305 -4.61 14.71 4.57
CA PHE A 305 -4.34 15.05 5.94
C PHE A 305 -4.58 13.81 6.79
N GLU A 306 -3.61 13.43 7.59
CA GLU A 306 -3.70 12.20 8.39
C GLU A 306 -4.44 12.48 9.69
N ILE A 307 -5.77 12.45 9.62
CA ILE A 307 -6.59 12.99 10.70
C ILE A 307 -6.26 12.46 12.11
N PRO A 308 -5.88 11.19 12.32
CA PRO A 308 -5.65 10.80 13.70
C PRO A 308 -4.41 11.38 14.36
N CYS A 309 -3.47 11.92 13.60
CA CYS A 309 -2.20 12.35 14.18
C CYS A 309 -1.66 13.66 13.69
N GLU A 310 -2.01 14.13 12.51
CA GLU A 310 -1.30 15.25 11.89
C GLU A 310 -1.65 16.60 12.52
N GLY A 311 -2.71 16.68 13.32
CA GLY A 311 -3.15 17.95 13.84
C GLY A 311 -2.18 18.69 14.71
N ARG A 312 -1.22 17.95 15.25
CA ARG A 312 -0.09 18.59 15.90
C ARG A 312 1.14 17.80 15.54
N GLN A 313 2.29 18.39 15.76
CA GLN A 313 3.55 17.71 15.53
C GLN A 313 3.86 16.75 16.65
N GLY A 314 4.59 15.69 16.32
CA GLY A 314 5.08 14.78 17.32
C GLY A 314 4.15 13.64 17.69
N ALA A 315 3.11 13.41 16.90
CA ALA A 315 2.17 12.33 17.18
C ALA A 315 2.22 11.20 16.14
N CYS A 316 2.46 11.50 14.88
CA CYS A 316 2.42 10.43 13.88
C CYS A 316 3.60 9.47 14.02
N THR A 317 3.34 8.16 13.97
CA THR A 317 4.41 7.17 14.02
C THR A 317 5.04 6.99 12.64
N ALA A 318 6.17 6.29 12.60
CA ALA A 318 6.83 6.01 11.34
C ALA A 318 5.85 5.41 10.33
N ASP A 319 5.03 4.47 10.77
CA ASP A 319 4.11 3.85 9.84
C ASP A 319 3.14 4.91 9.25
N MET A 320 2.60 5.76 10.11
CA MET A 320 1.59 6.74 9.70
C MET A 320 2.10 7.76 8.69
N LEU A 321 3.40 8.04 8.72
CA LEU A 321 4.01 8.99 7.80
C LEU A 321 3.97 8.53 6.35
N THR A 322 3.76 7.23 6.14
CA THR A 322 3.71 6.65 4.81
C THR A 322 2.31 6.66 4.19
N PHE A 323 1.27 6.85 5.00
CA PHE A 323 -0.07 6.51 4.49
C PHE A 323 -0.50 7.39 3.34
N LYS A 324 -0.22 8.70 3.44
CA LYS A 324 -0.74 9.61 2.41
C LYS A 324 -0.10 9.30 1.05
N GLY A 325 1.10 8.74 0.98
CA GLY A 325 1.64 8.32 -0.29
C GLY A 325 0.83 7.21 -0.94
N TYR A 326 0.44 6.22 -0.13
CA TYR A 326 -0.44 5.14 -0.62
CA TYR A 326 -0.41 5.14 -0.62
C TYR A 326 -1.76 5.71 -1.10
N VAL A 327 -2.32 6.68 -0.37
CA VAL A 327 -3.58 7.31 -0.78
C VAL A 327 -3.45 7.85 -2.19
N HIS A 328 -2.38 8.60 -2.44
CA HIS A 328 -2.18 9.15 -3.78
C HIS A 328 -2.05 8.07 -4.85
N ARG A 329 -1.17 7.10 -4.63
CA ARG A 329 -0.91 6.10 -5.67
C ARG A 329 -2.15 5.26 -5.94
N TRP A 330 -2.83 4.86 -4.88
CA TRP A 330 -4.00 4.00 -5.01
C TRP A 330 -5.16 4.76 -5.64
N MET A 331 -5.41 5.99 -5.20
CA MET A 331 -6.49 6.78 -5.80
C MET A 331 -6.23 7.06 -7.27
N ALA A 332 -4.97 7.28 -7.63
CA ALA A 332 -4.64 7.48 -9.03
C ALA A 332 -5.02 6.25 -9.86
N VAL A 333 -4.70 5.05 -9.37
CA VAL A 333 -5.07 3.83 -10.10
C VAL A 333 -6.60 3.67 -10.18
N VAL A 334 -7.33 4.07 -9.13
CA VAL A 334 -8.78 4.03 -9.17
C VAL A 334 -9.31 4.78 -10.39
N THR A 335 -8.68 5.91 -10.77
CA THR A 335 -9.17 6.66 -11.92
C THR A 335 -9.01 5.90 -13.23
N GLN A 336 -8.09 4.91 -13.28
CA GLN A 336 -7.90 4.12 -14.49
C GLN A 336 -8.91 2.98 -14.58
N ILE A 337 -9.16 2.32 -13.45
CA ILE A 337 -10.03 1.17 -13.53
CA ILE A 337 -9.93 1.08 -13.23
C ILE A 337 -11.45 1.43 -13.18
N ALA A 338 -11.74 2.62 -12.60
CA ALA A 338 -13.10 3.11 -12.42
C ALA A 338 -13.13 4.52 -13.00
N PRO A 339 -13.10 4.63 -14.32
CA PRO A 339 -12.89 5.94 -14.94
C PRO A 339 -13.95 7.00 -14.62
N HIS A 340 -15.13 6.58 -14.20
CA HIS A 340 -16.13 7.58 -13.83
C HIS A 340 -15.70 8.42 -12.63
N THR A 341 -14.68 7.98 -11.89
CA THR A 341 -14.19 8.72 -10.73
C THR A 341 -13.15 9.79 -11.08
N LYS A 342 -12.69 9.83 -12.34
CA LYS A 342 -11.50 10.60 -12.66
C LYS A 342 -11.61 12.07 -12.25
N ASP A 343 -12.72 12.71 -12.57
CA ASP A 343 -12.83 14.14 -12.30
C ASP A 343 -13.06 14.46 -10.82
N ARG A 344 -13.46 13.48 -10.02
CA ARG A 344 -13.55 13.66 -8.59
C ARG A 344 -12.17 13.54 -7.92
N ILE A 345 -11.27 12.78 -8.53
CA ILE A 345 -10.02 12.41 -7.89
C ILE A 345 -8.84 13.25 -8.40
N LEU A 346 -8.62 13.31 -9.71
CA LEU A 346 -7.37 13.90 -10.19
C LEU A 346 -7.16 15.34 -9.76
N PRO A 347 -8.20 16.21 -9.76
CA PRO A 347 -7.94 17.60 -9.35
C PRO A 347 -7.53 17.71 -7.89
N VAL A 348 -8.04 16.84 -7.03
CA VAL A 348 -7.68 16.89 -5.59
CA VAL A 348 -7.72 16.86 -5.61
C VAL A 348 -6.31 16.28 -5.37
N LEU A 349 -5.96 15.22 -6.09
CA LEU A 349 -4.58 14.74 -6.00
C LEU A 349 -3.62 15.83 -6.46
N ARG A 350 -4.00 16.60 -7.47
CA ARG A 350 -3.12 17.67 -7.92
C ARG A 350 -2.91 18.72 -6.83
N THR A 351 -3.97 19.22 -6.20
CA THR A 351 -3.76 20.21 -5.16
C THR A 351 -2.98 19.62 -3.98
N SER A 352 -3.17 18.34 -3.68
CA SER A 352 -2.48 17.71 -2.58
C SER A 352 -0.99 17.59 -2.91
N ALA A 353 -0.64 17.18 -4.14
CA ALA A 353 0.73 17.08 -4.56
C ALA A 353 1.40 18.49 -4.64
N GLU A 354 0.64 19.50 -5.03
CA GLU A 354 1.18 20.86 -4.98
C GLU A 354 1.61 21.21 -3.58
N ALA A 355 0.80 20.89 -2.59
CA ALA A 355 1.14 21.17 -1.22
C ALA A 355 2.35 20.34 -0.79
N ALA A 356 2.40 19.09 -1.21
CA ALA A 356 3.56 18.23 -0.89
C ALA A 356 4.85 18.92 -1.36
N VAL A 357 4.90 19.34 -2.61
CA VAL A 357 6.17 19.91 -3.09
C VAL A 357 6.43 21.30 -2.52
N LYS A 358 5.39 22.06 -2.19
CA LYS A 358 5.59 23.41 -1.62
C LYS A 358 6.41 23.37 -0.34
N GLN A 359 6.29 22.28 0.46
CA GLN A 359 7.02 22.17 1.70
C GLN A 359 8.28 21.35 1.59
N CYS A 360 8.64 20.86 0.40
CA CYS A 360 9.92 20.18 0.22
C CYS A 360 11.01 21.22 -0.05
N VAL A 361 11.38 21.93 1.01
CA VAL A 361 12.31 23.05 0.93
C VAL A 361 13.29 23.01 2.10
N GLY A 362 13.35 21.91 2.84
CA GLY A 362 14.13 21.90 4.06
C GLY A 362 15.62 21.84 3.87
N PRO A 363 16.35 22.33 4.87
CA PRO A 363 17.79 22.13 4.90
C PRO A 363 18.07 20.66 5.18
N PRO A 364 19.27 20.18 4.85
CA PRO A 364 20.42 20.93 4.36
C PRO A 364 20.47 21.09 2.86
N THR A 365 19.52 20.51 2.15
CA THR A 365 19.60 20.40 0.70
C THR A 365 18.81 21.50 -0.02
N GLY A 366 17.91 22.15 0.70
CA GLY A 366 16.94 23.07 0.10
C GLY A 366 15.74 22.37 -0.53
N ARG A 367 15.68 21.05 -0.42
CA ARG A 367 14.60 20.28 -1.03
C ARG A 367 14.13 19.15 -0.13
N ARG A 368 14.56 19.14 1.13
CA ARG A 368 14.16 18.04 2.01
C ARG A 368 12.67 18.12 2.27
N CYS A 369 12.02 16.96 2.29
CA CYS A 369 10.57 16.87 2.43
C CYS A 369 10.15 16.52 3.85
N GLY A 370 9.15 17.27 4.32
CA GLY A 370 8.43 16.94 5.54
C GLY A 370 7.07 16.37 5.23
N PHE A 371 6.26 16.30 6.29
CA PHE A 371 4.99 15.60 6.31
C PHE A 371 3.79 16.51 6.30
N TYR A 372 3.93 17.73 6.79
CA TYR A 372 2.78 18.56 7.15
C TYR A 372 2.40 19.42 5.96
N TRP A 373 1.90 18.75 4.92
CA TRP A 373 1.67 19.41 3.65
C TRP A 373 0.60 20.49 3.76
N LYS A 374 -0.50 20.17 4.42
CA LYS A 374 -1.57 21.14 4.56
C LYS A 374 -1.09 22.44 5.22
N SER A 375 -0.20 22.31 6.19
CA SER A 375 0.30 23.48 6.92
C SER A 375 1.04 24.46 6.06
N GLY A 376 1.56 24.01 4.95
CA GLY A 376 2.30 24.89 4.05
C GLY A 376 3.74 25.16 4.38
N LYS A 377 4.27 24.51 5.41
CA LYS A 377 5.62 24.79 5.89
C LYS A 377 6.37 23.49 6.09
N PHE A 378 7.67 23.54 5.83
CA PHE A 378 8.56 22.44 6.13
C PHE A 378 8.69 22.28 7.63
N VAL A 379 8.54 21.06 8.09
CA VAL A 379 8.75 20.65 9.47
C VAL A 379 9.80 19.55 9.41
N ASP A 380 10.85 19.67 10.21
CA ASP A 380 11.89 18.66 10.22
C ASP A 380 11.34 17.32 10.67
N PRO A 381 11.58 16.25 9.89
CA PRO A 381 11.17 14.91 10.32
C PRO A 381 11.63 14.50 11.70
N SER A 382 12.64 15.14 12.25
CA SER A 382 13.07 14.79 13.59
C SER A 382 11.95 15.05 14.62
N VAL A 383 10.97 15.90 14.31
CA VAL A 383 9.90 16.12 15.26
C VAL A 383 9.09 14.86 15.47
N ASP A 384 9.06 14.00 14.46
CA ASP A 384 8.36 12.72 14.55
C ASP A 384 9.33 11.56 14.72
N HIS A 385 10.57 11.86 15.09
CA HIS A 385 11.52 10.87 15.60
C HIS A 385 11.95 9.85 14.56
N THR A 386 12.02 10.26 13.29
CA THR A 386 12.62 9.44 12.27
C THR A 386 13.52 10.29 11.39
N SER A 387 14.30 9.62 10.56
CA SER A 387 15.14 10.28 9.59
C SER A 387 14.39 10.89 8.42
N GLY A 388 13.11 10.51 8.23
CA GLY A 388 12.28 11.11 7.20
C GLY A 388 12.02 10.28 5.96
N ALA A 389 12.26 8.97 6.02
CA ALA A 389 12.05 8.15 4.83
C ALA A 389 10.59 8.05 4.42
N GLY A 390 9.67 8.02 5.38
CA GLY A 390 8.27 7.91 5.00
C GLY A 390 7.75 9.15 4.33
N GLU A 391 8.19 10.31 4.81
CA GLU A 391 7.83 11.57 4.19
C GLU A 391 8.34 11.62 2.76
N ALA A 392 9.59 11.21 2.56
CA ALA A 392 10.19 11.18 1.24
C ALA A 392 9.44 10.22 0.33
N MET A 393 9.05 9.06 0.87
N MET A 393 9.06 9.07 0.87
CA MET A 393 8.31 8.07 0.09
CA MET A 393 8.32 8.09 0.08
C MET A 393 6.94 8.63 -0.33
C MET A 393 6.97 8.66 -0.35
N SER A 394 6.29 9.33 0.59
CA SER A 394 4.98 9.88 0.32
C SER A 394 5.01 10.97 -0.73
N VAL A 395 6.01 11.86 -0.71
CA VAL A 395 6.08 12.87 -1.75
C VAL A 395 6.44 12.24 -3.09
N LEU A 396 7.38 11.28 -3.11
CA LEU A 396 7.68 10.55 -4.33
C LEU A 396 6.42 9.95 -4.95
N ALA A 397 5.61 9.30 -4.12
CA ALA A 397 4.37 8.69 -4.57
C ALA A 397 3.41 9.73 -5.14
N ALA A 398 3.23 10.84 -4.44
CA ALA A 398 2.29 11.86 -4.88
C ALA A 398 2.71 12.49 -6.20
N VAL A 399 4.00 12.81 -6.33
CA VAL A 399 4.46 13.48 -7.54
C VAL A 399 4.46 12.51 -8.71
N SER A 400 4.96 11.30 -8.52
N SER A 400 5.00 11.31 -8.53
CA SER A 400 4.95 10.33 -9.62
CA SER A 400 5.09 10.41 -9.66
C SER A 400 3.54 10.09 -10.13
C SER A 400 3.71 10.08 -10.20
N SER A 401 2.59 9.99 -9.20
N SER A 401 2.71 10.01 -9.32
CA SER A 401 1.23 9.67 -9.59
CA SER A 401 1.35 9.65 -9.73
C SER A 401 0.54 10.81 -10.34
C SER A 401 0.55 10.81 -10.32
N LEU A 402 1.13 12.02 -10.36
CA LEU A 402 0.63 13.06 -11.26
C LEU A 402 0.73 12.65 -12.73
N LEU A 403 1.52 11.62 -13.04
CA LEU A 403 1.65 11.14 -14.39
C LEU A 403 0.67 10.04 -14.76
N ILE A 404 -0.31 9.77 -13.91
CA ILE A 404 -1.22 8.64 -14.15
C ILE A 404 -1.93 8.77 -15.50
N GLU A 405 -2.25 9.97 -15.96
CA GLU A 405 -2.97 10.13 -17.23
C GLU A 405 -2.21 9.55 -18.40
N TYR A 406 -0.88 9.45 -18.28
CA TYR A 406 -0.02 8.96 -19.34
C TYR A 406 0.30 7.47 -19.20
N ALA A 407 -0.06 6.86 -18.08
CA ALA A 407 0.34 5.50 -17.79
C ALA A 407 -0.64 4.49 -18.34
N GLU A 408 -0.15 3.29 -18.59
CA GLU A 408 -1.01 2.18 -18.88
C GLU A 408 -1.80 1.82 -17.63
N PRO A 409 -3.02 1.30 -17.82
CA PRO A 409 -3.74 0.74 -16.69
C PRO A 409 -3.09 -0.56 -16.24
N PRO A 410 -3.43 -1.04 -15.04
CA PRO A 410 -2.93 -2.35 -14.63
C PRO A 410 -3.24 -3.40 -15.70
N ALA A 411 -2.25 -4.22 -16.00
CA ALA A 411 -2.42 -5.33 -16.93
C ALA A 411 -3.22 -6.45 -16.28
N THR A 412 -3.85 -7.25 -17.12
CA THR A 412 -4.37 -8.54 -16.73
C THR A 412 -3.49 -9.62 -17.37
N ASN A 413 -3.87 -10.89 -17.19
CA ASN A 413 -3.16 -11.96 -17.84
C ASN A 413 -3.26 -11.90 -19.37
N GLU A 414 -4.12 -11.04 -19.93
CA GLU A 414 -4.17 -10.89 -21.37
C GLU A 414 -2.87 -10.32 -21.94
N THR A 415 -2.24 -9.40 -21.22
CA THR A 415 -1.01 -8.76 -21.69
C THR A 415 0.14 -8.83 -20.68
N GLY A 416 -0.11 -9.28 -19.47
CA GLY A 416 0.94 -9.35 -18.47
C GLY A 416 1.99 -10.38 -18.88
N ILE A 417 3.14 -10.28 -18.23
CA ILE A 417 4.27 -11.15 -18.52
C ILE A 417 4.66 -12.05 -17.34
N SER A 418 4.01 -11.90 -16.18
CA SER A 418 4.36 -12.73 -15.04
C SER A 418 3.74 -14.12 -15.19
N ARG A 419 4.05 -14.98 -14.23
CA ARG A 419 3.58 -16.36 -14.21
C ARG A 419 3.14 -16.67 -12.78
N GLY A 420 2.08 -17.48 -12.68
CA GLY A 420 1.55 -17.91 -11.40
C GLY A 420 2.00 -19.29 -11.00
N ASP A 421 1.39 -19.82 -9.96
CA ASP A 421 1.74 -21.12 -9.40
C ASP A 421 0.46 -21.65 -8.78
N PRO A 422 -0.11 -22.77 -9.27
CA PRO A 422 -1.36 -23.29 -8.68
C PRO A 422 -1.18 -23.78 -7.26
N ASN A 423 0.06 -24.01 -6.83
CA ASN A 423 0.35 -24.43 -5.47
C ASN A 423 1.02 -23.32 -4.66
N ALA A 424 0.88 -22.07 -5.09
CA ALA A 424 1.38 -20.97 -4.28
C ALA A 424 0.79 -21.06 -2.89
N GLY A 425 1.59 -20.95 -1.84
CA GLY A 425 1.05 -21.05 -0.49
C GLY A 425 0.73 -22.45 0.02
N MET A 426 0.99 -23.49 -0.76
CA MET A 426 0.53 -24.84 -0.40
C MET A 426 1.65 -25.82 -0.17
N ARG A 427 2.86 -25.32 0.06
CA ARG A 427 3.95 -26.24 0.30
C ARG A 427 3.84 -26.91 1.64
N SER A 428 4.41 -28.11 1.69
CA SER A 428 4.32 -28.96 2.86
C SER A 428 5.08 -28.41 4.02
N ARG A 429 6.12 -27.61 3.74
CA ARG A 429 6.89 -26.93 4.78
C ARG A 429 6.31 -25.55 5.09
N GLY A 430 5.20 -25.20 4.46
CA GLY A 430 4.55 -23.93 4.73
C GLY A 430 4.13 -23.81 6.18
N ALA A 431 4.17 -22.58 6.70
CA ALA A 431 3.91 -22.36 8.12
C ALA A 431 2.52 -22.87 8.56
N ALA A 432 1.54 -22.86 7.65
CA ALA A 432 0.19 -23.31 8.05
C ALA A 432 0.21 -24.77 8.51
N GLN A 433 1.18 -25.55 8.01
CA GLN A 433 1.28 -26.98 8.33
C GLN A 433 1.80 -27.24 9.73
N HIS A 434 2.32 -26.22 10.40
CA HIS A 434 2.68 -26.42 11.81
C HIS A 434 2.13 -25.32 12.69
N PHE A 435 0.97 -24.80 12.29
CA PHE A 435 0.25 -23.81 13.07
C PHE A 435 -0.23 -24.45 14.37
#